data_5OBF
#
_entry.id   5OBF
#
_cell.length_a   132.397
_cell.length_b   132.397
_cell.length_c   56.914
_cell.angle_alpha   90.00
_cell.angle_beta   90.00
_cell.angle_gamma   90.00
#
_symmetry.space_group_name_H-M   'I 4'
#
loop_
_entity.id
_entity.type
_entity.pdbx_description
1 polymer 'fAb Heavy chain'
2 polymer 'fAb Light chain'
3 non-polymer 'SULFATE ION'
4 non-polymer GLYCEROL
5 water water
#
loop_
_entity_poly.entity_id
_entity_poly.type
_entity_poly.pdbx_seq_one_letter_code
_entity_poly.pdbx_strand_id
1 'polypeptide(L)'
;EVQLQQSGAELVEPGASVKLSCTGSGFNIKVYYVHWLKQLTEQGLEWIGRIDPENGETIYTPKFQDKATLTVDTSSNTAY
LQLSSLTSEDAAVYYCVSSGYWGQGTTLTVSSAKTTAPSVYPLAPVCGDTTGSSVTLGCLVKGYFPEPVTLTWNSGSLSS
GVHTFPAVLQSDLYTLSSSVTVTSSTWPSQSITCNVAHPASSTKVDKKIEPRGPTIK
;
H
2 'polypeptide(L)'
;DIVMTQSAFSNPVTLGTSASISCRSSKSLLHRNGITYLYWYLQKPGQPPQLLIYQMSNLASGVPDRFTSSGSGTDFTLKI
SRVEAEDVGVYYCAQNLELWTFGGGTKLEIKRADAAPTVSIFPPSSEQLTSGGASVVCFLNNFYPKDINVKWKIDGSERQ
NGVLNSWTDQDSKDSTYSMSSTLTLTKDEYERHNSYTCEATHKTSTSPIVKSFNRNE
;
L
#
# COMPACT_ATOMS: atom_id res chain seq x y z
N VAL A 2 11.86 19.65 -3.60
CA VAL A 2 12.17 18.94 -4.83
C VAL A 2 11.25 17.72 -4.96
N GLN A 3 10.50 17.66 -6.06
CA GLN A 3 9.51 16.61 -6.33
C GLN A 3 9.40 16.30 -7.84
N LEU A 4 9.14 15.04 -8.17
CA LEU A 4 8.85 14.58 -9.52
C LEU A 4 7.36 14.23 -9.48
N GLN A 5 6.56 14.95 -10.25
CA GLN A 5 5.10 14.83 -10.28
C GLN A 5 4.62 13.82 -11.31
N GLN A 6 3.89 12.81 -10.81
CA GLN A 6 3.29 11.75 -11.58
C GLN A 6 1.81 11.67 -11.18
N SER A 7 0.88 11.56 -12.17
CA SER A 7 -0.53 11.41 -11.84
C SER A 7 -0.71 10.10 -11.10
N GLY A 8 -1.61 10.07 -10.14
CA GLY A 8 -1.86 8.88 -9.35
C GLY A 8 -2.36 7.70 -10.16
N ALA A 9 -3.15 7.96 -11.22
CA ALA A 9 -3.74 6.86 -12.00
C ALA A 9 -3.84 7.13 -13.47
N GLU A 10 -3.81 6.05 -14.24
CA GLU A 10 -4.06 6.05 -15.69
C GLU A 10 -4.89 4.80 -15.98
N LEU A 11 -6.06 5.00 -16.58
CA LEU A 11 -6.97 3.90 -16.92
C LEU A 11 -7.06 3.90 -18.43
N VAL A 12 -6.52 2.88 -19.05
CA VAL A 12 -6.48 2.80 -20.52
C VAL A 12 -7.03 1.45 -20.95
N GLU A 13 -7.82 1.45 -22.04
N GLU A 13 -7.80 1.45 -22.05
CA GLU A 13 -8.40 0.25 -22.61
CA GLU A 13 -8.39 0.25 -22.65
C GLU A 13 -7.30 -0.66 -23.22
C GLU A 13 -7.29 -0.66 -23.22
N PRO A 14 -7.45 -2.01 -23.15
CA PRO A 14 -6.42 -2.89 -23.77
C PRO A 14 -6.32 -2.67 -25.28
N GLY A 15 -5.09 -2.70 -25.78
CA GLY A 15 -4.77 -2.46 -27.18
C GLY A 15 -4.44 -1.00 -27.46
N ALA A 16 -4.92 -0.07 -26.60
CA ALA A 16 -4.63 1.35 -26.78
C ALA A 16 -3.23 1.71 -26.26
N SER A 17 -2.83 2.98 -26.41
CA SER A 17 -1.54 3.48 -25.97
C SER A 17 -1.69 4.47 -24.81
N VAL A 18 -0.63 4.62 -23.99
CA VAL A 18 -0.64 5.56 -22.88
C VAL A 18 0.65 6.39 -22.92
N LYS A 19 0.58 7.66 -22.54
CA LYS A 19 1.75 8.50 -22.42
C LYS A 19 1.77 9.04 -21.01
N LEU A 20 2.61 8.44 -20.16
CA LEU A 20 2.78 8.76 -18.74
C LEU A 20 3.72 9.95 -18.62
N SER A 21 3.39 10.90 -17.74
CA SER A 21 4.23 12.10 -17.58
C SER A 21 4.91 12.17 -16.24
N CYS A 22 6.09 12.78 -16.24
CA CYS A 22 6.89 12.94 -15.03
C CYS A 22 7.38 14.39 -15.05
N THR A 23 6.77 15.24 -14.18
CA THR A 23 7.03 16.69 -14.18
C THR A 23 7.86 17.14 -13.01
N GLY A 24 8.98 17.80 -13.29
CA GLY A 24 9.84 18.34 -12.25
C GLY A 24 9.19 19.53 -11.57
N SER A 25 9.08 19.46 -10.23
CA SER A 25 8.55 20.53 -9.37
C SER A 25 9.67 20.83 -8.37
N GLY A 26 10.37 21.94 -8.58
CA GLY A 26 11.53 22.32 -7.78
C GLY A 26 12.79 21.64 -8.30
N PHE A 27 12.65 20.89 -9.41
CA PHE A 27 13.71 20.15 -10.09
C PHE A 27 13.61 20.39 -11.59
N ASN A 28 14.74 20.69 -12.25
CA ASN A 28 14.72 20.90 -13.69
C ASN A 28 15.33 19.74 -14.44
N ILE A 29 14.51 19.09 -15.29
CA ILE A 29 14.98 17.98 -16.11
C ILE A 29 15.85 18.59 -17.24
N LYS A 30 17.17 18.62 -17.01
CA LYS A 30 18.11 19.22 -17.97
C LYS A 30 19.40 18.46 -18.15
N VAL A 31 19.96 17.89 -17.07
CA VAL A 31 21.26 17.20 -17.11
C VAL A 31 21.18 15.72 -16.72
N TYR A 32 20.51 15.44 -15.60
CA TYR A 32 20.39 14.09 -15.06
C TYR A 32 19.54 13.18 -15.89
N TYR A 33 19.97 11.91 -16.02
CA TYR A 33 19.19 10.91 -16.77
C TYR A 33 17.82 10.74 -16.11
N VAL A 34 16.80 10.48 -16.92
CA VAL A 34 15.48 10.19 -16.36
C VAL A 34 15.27 8.72 -16.54
N HIS A 35 15.09 8.01 -15.43
CA HIS A 35 14.90 6.58 -15.41
C HIS A 35 13.44 6.27 -15.22
N TRP A 36 12.98 5.17 -15.80
CA TRP A 36 11.63 4.70 -15.60
C TRP A 36 11.69 3.27 -15.14
N LEU A 37 10.85 2.93 -14.17
CA LEU A 37 10.79 1.59 -13.59
C LEU A 37 9.35 1.12 -13.46
N LYS A 38 9.17 -0.18 -13.63
CA LYS A 38 7.86 -0.84 -13.55
C LYS A 38 7.87 -1.75 -12.31
N GLN A 39 6.74 -1.78 -11.61
CA GLN A 39 6.56 -2.63 -10.44
C GLN A 39 5.22 -3.33 -10.53
N LEU A 40 5.21 -4.66 -10.79
CA LEU A 40 3.94 -5.41 -10.85
C LEU A 40 3.49 -5.67 -9.42
N THR A 41 2.17 -5.88 -9.22
CA THR A 41 1.57 -6.15 -7.89
C THR A 41 2.30 -7.28 -7.14
N GLU A 42 2.72 -6.99 -5.89
CA GLU A 42 3.44 -7.87 -4.96
C GLU A 42 4.73 -8.48 -5.56
N GLN A 43 5.33 -7.82 -6.57
CA GLN A 43 6.55 -8.30 -7.22
C GLN A 43 7.70 -7.28 -7.17
N GLY A 44 8.76 -7.55 -7.89
CA GLY A 44 9.94 -6.72 -7.91
C GLY A 44 9.84 -5.41 -8.65
N LEU A 45 10.99 -4.90 -9.08
CA LEU A 45 11.14 -3.65 -9.77
C LEU A 45 11.91 -3.95 -11.04
N GLU A 46 11.40 -3.46 -12.16
CA GLU A 46 12.06 -3.66 -13.45
C GLU A 46 12.40 -2.34 -14.03
N TRP A 47 13.67 -2.12 -14.34
CA TRP A 47 14.14 -0.90 -14.99
C TRP A 47 13.78 -1.03 -16.46
N ILE A 48 13.06 -0.04 -16.98
CA ILE A 48 12.58 -0.04 -18.37
C ILE A 48 13.64 0.55 -19.27
N GLY A 49 14.17 1.67 -18.82
CA GLY A 49 15.18 2.40 -19.56
C GLY A 49 15.42 3.77 -18.99
N ARG A 50 16.26 4.54 -19.67
CA ARG A 50 16.61 5.89 -19.29
C ARG A 50 16.73 6.78 -20.53
N ILE A 51 16.60 8.07 -20.32
CA ILE A 51 16.74 9.07 -21.36
C ILE A 51 17.70 10.15 -20.90
N ASP A 52 18.61 10.52 -21.79
CA ASP A 52 19.55 11.58 -21.56
C ASP A 52 18.84 12.86 -22.05
N PRO A 53 18.49 13.83 -21.17
CA PRO A 53 17.75 15.01 -21.62
C PRO A 53 18.54 16.03 -22.44
N GLU A 54 19.85 15.80 -22.63
CA GLU A 54 20.74 16.70 -23.40
C GLU A 54 20.69 16.44 -24.89
N ASN A 55 20.51 15.17 -25.29
CA ASN A 55 20.51 14.74 -26.69
C ASN A 55 19.30 13.84 -27.05
N GLY A 56 18.52 13.47 -26.04
CA GLY A 56 17.37 12.60 -26.22
C GLY A 56 17.73 11.15 -26.44
N GLU A 57 19.02 10.77 -26.23
CA GLU A 57 19.50 9.40 -26.37
C GLU A 57 18.85 8.50 -25.32
N THR A 58 18.31 7.37 -25.79
CA THR A 58 17.64 6.40 -24.93
C THR A 58 18.39 5.05 -24.95
N ILE A 59 18.31 4.34 -23.82
CA ILE A 59 18.82 2.99 -23.62
C ILE A 59 17.64 2.27 -22.96
N TYR A 60 17.25 1.12 -23.50
CA TYR A 60 16.14 0.32 -22.98
C TYR A 60 16.66 -1.06 -22.59
N THR A 61 15.92 -1.73 -21.69
CA THR A 61 16.14 -3.13 -21.34
C THR A 61 15.58 -3.85 -22.60
N PRO A 62 16.24 -4.89 -23.18
CA PRO A 62 15.73 -5.50 -24.42
C PRO A 62 14.24 -5.81 -24.46
N LYS A 63 13.67 -6.29 -23.34
CA LYS A 63 12.26 -6.63 -23.28
C LYS A 63 11.31 -5.41 -23.38
N PHE A 64 11.84 -4.16 -23.27
CA PHE A 64 11.05 -2.93 -23.37
C PHE A 64 11.34 -2.07 -24.61
N GLN A 65 12.29 -2.51 -25.47
CA GLN A 65 12.77 -1.86 -26.70
C GLN A 65 11.65 -1.34 -27.62
N ASP A 66 10.64 -2.19 -27.88
CA ASP A 66 9.53 -1.86 -28.77
C ASP A 66 8.33 -1.29 -28.02
N LYS A 67 7.97 -1.91 -26.89
CA LYS A 67 6.83 -1.57 -26.03
C LYS A 67 6.91 -0.13 -25.50
N ALA A 68 8.10 0.28 -25.03
CA ALA A 68 8.33 1.57 -24.40
C ALA A 68 9.04 2.56 -25.30
N THR A 69 8.72 3.85 -25.15
CA THR A 69 9.35 4.94 -25.87
C THR A 69 9.52 6.09 -24.88
N LEU A 70 10.76 6.48 -24.64
CA LEU A 70 11.07 7.56 -23.72
C LEU A 70 11.32 8.85 -24.45
N THR A 71 10.71 9.95 -23.98
CA THR A 71 10.90 11.29 -24.55
C THR A 71 11.02 12.29 -23.41
N VAL A 72 11.45 13.50 -23.72
CA VAL A 72 11.64 14.56 -22.75
C VAL A 72 11.37 15.92 -23.42
N ASP A 73 10.65 16.80 -22.71
CA ASP A 73 10.33 18.14 -23.14
C ASP A 73 10.87 19.12 -22.09
N THR A 74 12.10 19.62 -22.35
CA THR A 74 12.85 20.55 -21.50
C THR A 74 12.09 21.88 -21.29
N SER A 75 11.29 22.31 -22.30
CA SER A 75 10.49 23.54 -22.27
C SER A 75 9.29 23.43 -21.32
N SER A 76 8.72 22.22 -21.20
CA SER A 76 7.59 21.92 -20.32
C SER A 76 8.08 21.33 -19.00
N ASN A 77 9.40 21.05 -18.90
CA ASN A 77 10.05 20.41 -17.72
C ASN A 77 9.38 19.02 -17.45
N THR A 78 9.15 18.25 -18.53
CA THR A 78 8.44 16.98 -18.45
C THR A 78 9.12 15.84 -19.19
N ALA A 79 9.21 14.68 -18.53
CA ALA A 79 9.73 13.47 -19.17
C ALA A 79 8.50 12.58 -19.41
N TYR A 80 8.50 11.83 -20.52
CA TYR A 80 7.37 10.97 -20.85
C TYR A 80 7.75 9.53 -21.12
N LEU A 81 6.85 8.62 -20.76
CA LEU A 81 6.97 7.19 -21.05
C LEU A 81 5.73 6.80 -21.82
N GLN A 82 5.91 6.46 -23.08
CA GLN A 82 4.81 5.99 -23.92
C GLN A 82 4.90 4.47 -24.01
N LEU A 83 3.77 3.81 -23.77
CA LEU A 83 3.66 2.36 -23.84
C LEU A 83 2.59 2.05 -24.89
N SER A 84 2.92 1.20 -25.86
CA SER A 84 2.03 0.83 -26.96
C SER A 84 1.28 -0.49 -26.71
N SER A 85 0.18 -0.70 -27.46
CA SER A 85 -0.68 -1.89 -27.49
C SER A 85 -0.77 -2.56 -26.15
N LEU A 86 -1.41 -1.89 -25.20
CA LEU A 86 -1.47 -2.34 -23.81
C LEU A 86 -2.17 -3.67 -23.63
N THR A 87 -1.60 -4.49 -22.75
CA THR A 87 -2.14 -5.79 -22.38
C THR A 87 -2.30 -5.79 -20.86
N SER A 88 -2.91 -6.86 -20.31
CA SER A 88 -3.07 -7.03 -18.86
C SER A 88 -1.73 -7.04 -18.12
N GLU A 89 -0.65 -7.52 -18.79
CA GLU A 89 0.71 -7.61 -18.24
C GLU A 89 1.33 -6.22 -18.04
N ASP A 90 0.81 -5.20 -18.71
CA ASP A 90 1.32 -3.83 -18.56
C ASP A 90 0.75 -3.15 -17.32
N ALA A 91 -0.35 -3.69 -16.73
CA ALA A 91 -0.94 -3.10 -15.54
C ALA A 91 0.07 -3.23 -14.39
N ALA A 92 0.52 -2.08 -13.86
CA ALA A 92 1.54 -1.98 -12.82
C ALA A 92 1.66 -0.54 -12.34
N VAL A 93 2.56 -0.31 -11.38
CA VAL A 93 2.94 1.02 -10.91
C VAL A 93 4.21 1.41 -11.65
N TYR A 94 4.20 2.60 -12.27
CA TYR A 94 5.34 3.10 -13.02
C TYR A 94 5.97 4.27 -12.32
N TYR A 95 7.27 4.18 -12.04
CA TYR A 95 8.01 5.24 -11.37
C TYR A 95 8.97 5.90 -12.33
N CYS A 96 9.12 7.22 -12.19
CA CYS A 96 10.15 7.95 -12.90
C CYS A 96 11.15 8.36 -11.81
N VAL A 97 12.45 8.36 -12.14
CA VAL A 97 13.53 8.63 -11.18
C VAL A 97 14.54 9.53 -11.85
N SER A 98 15.02 10.52 -11.12
CA SER A 98 16.04 11.41 -11.66
C SER A 98 16.77 12.00 -10.49
N SER A 99 18.12 12.00 -10.56
CA SER A 99 19.00 12.51 -9.50
C SER A 99 18.68 11.89 -8.12
N GLY A 100 18.28 10.61 -8.13
CA GLY A 100 17.93 9.88 -6.92
C GLY A 100 16.56 10.19 -6.36
N TYR A 101 15.81 11.13 -7.00
CA TYR A 101 14.44 11.46 -6.61
C TYR A 101 13.44 10.53 -7.28
N TRP A 102 12.58 9.89 -6.50
CA TRP A 102 11.57 9.03 -7.08
C TRP A 102 10.22 9.78 -7.13
N GLY A 103 9.47 9.59 -8.21
CA GLY A 103 8.11 10.09 -8.29
C GLY A 103 7.24 9.18 -7.42
N GLN A 104 6.00 9.59 -7.11
CA GLN A 104 5.09 8.77 -6.26
C GLN A 104 4.54 7.54 -7.01
N GLY A 105 4.71 7.55 -8.33
CA GLY A 105 4.29 6.43 -9.15
C GLY A 105 2.90 6.62 -9.70
N THR A 106 2.67 6.08 -10.89
CA THR A 106 1.36 6.12 -11.54
C THR A 106 0.88 4.68 -11.59
N THR A 107 -0.31 4.42 -11.05
CA THR A 107 -0.96 3.11 -11.12
C THR A 107 -1.64 3.02 -12.47
N LEU A 108 -1.11 2.18 -13.38
CA LEU A 108 -1.69 1.98 -14.69
C LEU A 108 -2.64 0.79 -14.62
N THR A 109 -3.91 1.03 -14.96
CA THR A 109 -4.96 0.00 -15.06
C THR A 109 -5.30 -0.19 -16.54
N VAL A 110 -5.28 -1.43 -16.99
CA VAL A 110 -5.56 -1.79 -18.40
C VAL A 110 -6.91 -2.50 -18.42
N SER A 111 -7.96 -1.73 -18.74
CA SER A 111 -9.35 -2.19 -18.64
C SER A 111 -10.26 -1.30 -19.47
N SER A 112 -11.38 -1.85 -19.92
CA SER A 112 -12.38 -1.13 -20.68
C SER A 112 -13.53 -0.69 -19.73
N ALA A 113 -13.41 -1.04 -18.42
CA ALA A 113 -14.38 -0.69 -17.39
C ALA A 113 -14.43 0.85 -17.10
N LYS A 114 -15.60 1.32 -16.66
CA LYS A 114 -15.86 2.73 -16.43
C LYS A 114 -15.29 3.26 -15.11
N THR A 115 -14.67 4.45 -15.20
CA THR A 115 -14.17 5.22 -14.07
C THR A 115 -15.38 5.53 -13.20
N THR A 116 -15.27 5.23 -11.92
CA THR A 116 -16.34 5.39 -10.95
C THR A 116 -15.80 6.05 -9.71
N ALA A 117 -16.45 7.16 -9.29
CA ALA A 117 -16.04 7.88 -8.08
C ALA A 117 -16.51 7.06 -6.86
N PRO A 118 -15.77 7.06 -5.73
CA PRO A 118 -16.21 6.30 -4.55
C PRO A 118 -17.35 6.93 -3.79
N SER A 119 -18.10 6.09 -3.07
CA SER A 119 -19.09 6.50 -2.09
C SER A 119 -18.28 6.48 -0.81
N VAL A 120 -18.45 7.48 0.06
CA VAL A 120 -17.65 7.58 1.29
C VAL A 120 -18.57 7.58 2.51
N TYR A 121 -18.54 6.49 3.27
CA TYR A 121 -19.44 6.32 4.41
C TYR A 121 -18.77 6.46 5.76
N PRO A 122 -19.33 7.29 6.66
CA PRO A 122 -18.76 7.42 8.00
C PRO A 122 -19.17 6.21 8.85
N LEU A 123 -18.22 5.68 9.63
CA LEU A 123 -18.49 4.56 10.52
C LEU A 123 -18.34 5.07 11.95
N ALA A 124 -19.46 5.47 12.56
CA ALA A 124 -19.46 5.95 13.93
C ALA A 124 -19.63 4.73 14.85
N PRO A 125 -19.15 4.74 16.12
CA PRO A 125 -19.35 3.56 16.97
C PRO A 125 -20.82 3.25 17.23
N VAL A 126 -21.09 1.98 17.61
CA VAL A 126 -22.42 1.49 17.98
C VAL A 126 -23.03 2.42 19.04
N CYS A 127 -24.36 2.55 19.02
CA CYS A 127 -25.13 3.38 19.95
C CYS A 127 -24.92 2.94 21.39
N GLY A 132 -14.35 1.07 26.35
CA GLY A 132 -13.54 1.45 27.50
C GLY A 132 -12.90 2.82 27.37
N SER A 133 -11.57 2.88 27.56
CA SER A 133 -10.79 4.13 27.48
C SER A 133 -10.53 4.66 26.06
N SER A 134 -10.50 3.78 25.05
CA SER A 134 -10.28 4.18 23.65
C SER A 134 -11.54 4.03 22.81
N VAL A 135 -11.59 4.74 21.67
CA VAL A 135 -12.71 4.69 20.74
C VAL A 135 -12.20 4.51 19.31
N THR A 136 -12.83 3.61 18.56
CA THR A 136 -12.48 3.33 17.18
C THR A 136 -13.56 3.88 16.26
N LEU A 137 -13.12 4.70 15.29
CA LEU A 137 -13.98 5.27 14.26
C LEU A 137 -13.54 4.66 12.95
N GLY A 138 -14.41 4.72 11.97
CA GLY A 138 -14.08 4.17 10.67
C GLY A 138 -14.60 4.98 9.52
N CYS A 139 -14.15 4.59 8.33
N CYS A 139 -14.15 4.59 8.32
CA CYS A 139 -14.51 5.19 7.06
CA CYS A 139 -14.52 5.20 7.06
C CYS A 139 -14.56 4.08 6.02
C CYS A 139 -14.56 4.10 6.01
N LEU A 140 -15.70 3.94 5.32
CA LEU A 140 -15.90 2.92 4.29
C LEU A 140 -15.96 3.59 2.93
N VAL A 141 -15.02 3.25 2.07
CA VAL A 141 -14.87 3.83 0.74
C VAL A 141 -15.28 2.75 -0.23
N LYS A 142 -16.49 2.85 -0.75
CA LYS A 142 -17.06 1.79 -1.53
C LYS A 142 -17.42 2.14 -2.96
N GLY A 143 -17.24 1.17 -3.85
CA GLY A 143 -17.67 1.25 -5.24
C GLY A 143 -16.95 2.29 -6.07
N TYR A 144 -15.64 2.12 -6.20
CA TYR A 144 -14.85 3.01 -7.05
C TYR A 144 -14.03 2.20 -8.07
N PHE A 145 -13.51 2.89 -9.09
CA PHE A 145 -12.67 2.28 -10.11
C PHE A 145 -12.04 3.36 -10.94
N PRO A 146 -10.73 3.27 -11.27
CA PRO A 146 -9.75 2.22 -10.88
C PRO A 146 -9.09 2.58 -9.55
N GLU A 147 -8.06 1.81 -9.17
CA GLU A 147 -7.22 2.15 -8.04
C GLU A 147 -6.34 3.35 -8.48
N PRO A 148 -5.76 4.15 -7.55
CA PRO A 148 -5.88 4.04 -6.08
C PRO A 148 -6.85 5.06 -5.50
N VAL A 149 -6.97 4.99 -4.19
CA VAL A 149 -7.63 5.98 -3.35
C VAL A 149 -6.59 6.33 -2.28
N THR A 150 -6.50 7.59 -1.88
CA THR A 150 -5.66 7.96 -0.76
C THR A 150 -6.58 8.41 0.35
N LEU A 151 -6.36 7.89 1.55
CA LEU A 151 -7.18 8.25 2.69
C LEU A 151 -6.33 8.83 3.80
N THR A 152 -6.79 9.93 4.40
CA THR A 152 -6.12 10.56 5.54
C THR A 152 -7.21 10.91 6.55
N TRP A 153 -6.80 11.19 7.78
CA TRP A 153 -7.70 11.58 8.87
C TRP A 153 -7.24 12.95 9.33
N ASN A 154 -8.19 13.89 9.44
CA ASN A 154 -7.93 15.29 9.84
C ASN A 154 -6.78 15.92 9.03
N SER A 155 -6.84 15.75 7.70
CA SER A 155 -5.85 16.26 6.71
C SER A 155 -4.42 15.75 6.97
N GLY A 156 -4.32 14.56 7.57
CA GLY A 156 -3.03 13.96 7.91
C GLY A 156 -2.51 14.27 9.29
N SER A 157 -3.19 15.18 10.05
CA SER A 157 -2.80 15.54 11.43
C SER A 157 -2.98 14.35 12.36
N LEU A 158 -3.96 13.49 12.05
CA LEU A 158 -4.28 12.27 12.80
C LEU A 158 -3.65 11.08 12.06
N SER A 159 -2.40 10.72 12.46
CA SER A 159 -1.60 9.64 11.84
C SER A 159 -1.42 8.42 12.74
N SER A 160 -1.33 8.61 14.07
CA SER A 160 -1.20 7.49 15.01
C SER A 160 -2.53 6.75 15.18
N GLY A 161 -2.46 5.45 15.43
CA GLY A 161 -3.63 4.58 15.63
C GLY A 161 -4.50 4.39 14.41
N VAL A 162 -3.95 4.59 13.20
CA VAL A 162 -4.69 4.44 11.94
C VAL A 162 -4.37 3.10 11.29
N HIS A 163 -5.41 2.43 10.75
CA HIS A 163 -5.27 1.21 9.95
C HIS A 163 -6.03 1.43 8.66
N THR A 164 -5.35 1.35 7.51
CA THR A 164 -6.04 1.49 6.22
C THR A 164 -5.90 0.15 5.55
N PHE A 165 -7.04 -0.47 5.32
CA PHE A 165 -7.09 -1.83 4.80
C PHE A 165 -7.03 -1.84 3.29
N PRO A 166 -6.14 -2.68 2.70
CA PRO A 166 -6.04 -2.74 1.24
C PRO A 166 -7.37 -2.97 0.55
N ALA A 167 -7.55 -2.31 -0.60
CA ALA A 167 -8.79 -2.41 -1.37
C ALA A 167 -9.02 -3.81 -1.94
N VAL A 168 -10.29 -4.21 -2.07
CA VAL A 168 -10.69 -5.49 -2.64
C VAL A 168 -11.61 -5.23 -3.84
N LEU A 169 -11.34 -5.92 -4.96
CA LEU A 169 -12.11 -5.78 -6.20
C LEU A 169 -13.20 -6.83 -6.27
N GLN A 170 -14.42 -6.39 -6.62
CA GLN A 170 -15.54 -7.30 -6.83
C GLN A 170 -16.48 -6.68 -7.85
N SER A 171 -16.85 -7.45 -8.88
CA SER A 171 -17.76 -7.03 -9.94
C SER A 171 -17.42 -5.66 -10.56
N ASP A 172 -16.11 -5.43 -10.90
CA ASP A 172 -15.60 -4.20 -11.52
C ASP A 172 -15.45 -3.02 -10.55
N LEU A 173 -15.68 -3.20 -9.22
CA LEU A 173 -15.56 -2.06 -8.28
C LEU A 173 -14.73 -2.41 -7.05
N TYR A 174 -13.94 -1.46 -6.56
CA TYR A 174 -13.12 -1.59 -5.36
C TYR A 174 -13.85 -1.10 -4.13
N THR A 175 -13.47 -1.65 -2.98
CA THR A 175 -13.93 -1.20 -1.69
C THR A 175 -12.74 -1.20 -0.75
N LEU A 176 -12.58 -0.12 0.00
CA LEU A 176 -11.57 -0.07 1.05
C LEU A 176 -12.16 0.54 2.31
N SER A 177 -11.43 0.36 3.44
CA SER A 177 -11.85 0.93 4.70
C SER A 177 -10.63 1.34 5.48
N SER A 178 -10.86 2.20 6.46
CA SER A 178 -9.81 2.64 7.37
C SER A 178 -10.41 2.88 8.74
N SER A 179 -9.68 2.48 9.80
CA SER A 179 -10.09 2.71 11.17
C SER A 179 -9.11 3.70 11.82
N VAL A 180 -9.60 4.48 12.78
CA VAL A 180 -8.77 5.40 13.55
C VAL A 180 -9.17 5.21 15.00
N THR A 181 -8.18 5.07 15.88
CA THR A 181 -8.43 4.84 17.31
C THR A 181 -7.88 6.01 18.10
N VAL A 182 -8.73 6.67 18.87
CA VAL A 182 -8.32 7.80 19.71
C VAL A 182 -8.81 7.60 21.16
N THR A 183 -8.42 8.49 22.08
CA THR A 183 -8.87 8.45 23.48
C THR A 183 -10.40 8.76 23.49
N SER A 184 -11.18 8.10 24.37
CA SER A 184 -12.64 8.29 24.44
C SER A 184 -13.07 9.75 24.64
N SER A 185 -12.27 10.51 25.41
CA SER A 185 -12.50 11.93 25.72
C SER A 185 -12.34 12.86 24.50
N THR A 186 -11.57 12.44 23.48
CA THR A 186 -11.27 13.22 22.29
C THR A 186 -12.50 13.42 21.38
N TRP A 187 -13.24 12.33 21.10
CA TRP A 187 -14.39 12.35 20.21
C TRP A 187 -15.71 12.06 20.96
N PRO A 188 -16.85 12.74 20.66
CA PRO A 188 -17.09 13.73 19.59
C PRO A 188 -16.69 15.18 19.91
N SER A 189 -16.04 15.44 21.06
CA SER A 189 -15.59 16.78 21.47
C SER A 189 -14.78 17.48 20.36
N GLN A 190 -13.81 16.76 19.79
CA GLN A 190 -12.96 17.20 18.69
C GLN A 190 -13.40 16.54 17.41
N SER A 191 -13.39 17.30 16.31
CA SER A 191 -13.83 16.80 15.00
C SER A 191 -12.86 15.78 14.42
N ILE A 192 -13.42 14.69 13.90
CA ILE A 192 -12.66 13.65 13.20
C ILE A 192 -13.28 13.52 11.82
N THR A 193 -12.47 13.81 10.78
CA THR A 193 -12.90 13.79 9.39
C THR A 193 -12.04 12.85 8.56
N CYS A 194 -12.70 12.05 7.73
CA CYS A 194 -12.13 11.12 6.78
C CYS A 194 -11.91 11.93 5.47
N ASN A 195 -10.66 12.03 4.96
CA ASN A 195 -10.39 12.75 3.70
C ASN A 195 -10.00 11.73 2.67
N VAL A 196 -10.83 11.57 1.66
CA VAL A 196 -10.66 10.58 0.61
C VAL A 196 -10.39 11.28 -0.72
N ALA A 197 -9.36 10.82 -1.42
CA ALA A 197 -9.06 11.34 -2.75
C ALA A 197 -9.00 10.16 -3.74
N HIS A 198 -9.72 10.30 -4.85
CA HIS A 198 -9.75 9.29 -5.93
C HIS A 198 -9.31 10.05 -7.19
N PRO A 199 -7.97 10.07 -7.45
CA PRO A 199 -7.45 10.89 -8.57
C PRO A 199 -8.08 10.62 -9.95
N ALA A 200 -8.31 9.36 -10.30
CA ALA A 200 -8.89 9.00 -11.62
C ALA A 200 -10.21 9.69 -11.92
N SER A 201 -11.03 9.98 -10.88
CA SER A 201 -12.31 10.68 -11.09
C SER A 201 -12.26 12.11 -10.58
N SER A 202 -11.07 12.60 -10.14
CA SER A 202 -10.91 13.97 -9.58
C SER A 202 -11.84 14.19 -8.37
N THR A 203 -12.06 13.13 -7.57
CA THR A 203 -12.95 13.20 -6.41
C THR A 203 -12.14 13.47 -5.16
N LYS A 204 -12.58 14.45 -4.38
CA LYS A 204 -12.00 14.76 -3.07
C LYS A 204 -13.19 14.90 -2.17
N VAL A 205 -13.29 14.01 -1.18
CA VAL A 205 -14.42 14.01 -0.26
C VAL A 205 -13.90 14.10 1.16
N ASP A 206 -14.42 15.06 1.92
CA ASP A 206 -14.11 15.21 3.34
C ASP A 206 -15.37 14.81 4.09
N LYS A 207 -15.34 13.65 4.76
CA LYS A 207 -16.50 13.14 5.49
C LYS A 207 -16.29 13.18 7.02
N LYS A 208 -17.08 14.05 7.69
CA LYS A 208 -17.02 14.18 9.16
C LYS A 208 -17.74 13.00 9.84
N ILE A 209 -17.15 12.43 10.91
CA ILE A 209 -17.76 11.34 11.66
C ILE A 209 -18.68 11.92 12.76
N GLU A 210 -19.99 11.73 12.58
CA GLU A 210 -21.01 12.23 13.51
C GLU A 210 -21.44 11.11 14.45
N PRO A 211 -21.63 11.39 15.76
CA PRO A 211 -22.15 10.33 16.66
C PRO A 211 -23.55 9.89 16.20
N ARG A 212 -23.84 8.57 16.30
CA ARG A 212 -25.12 8.00 15.83
C ARG A 212 -26.33 8.64 16.52
N GLY A 213 -26.15 8.96 17.79
CA GLY A 213 -27.15 9.62 18.62
C GLY A 213 -26.66 11.00 19.02
N PRO A 214 -27.53 12.04 18.92
CA PRO A 214 -27.11 13.40 19.31
C PRO A 214 -26.57 13.46 20.75
N THR A 215 -25.50 14.27 20.95
CA THR A 215 -24.81 14.48 22.24
C THR A 215 -25.75 14.90 23.39
N ILE A 216 -26.95 15.37 23.04
CA ILE A 216 -27.98 15.86 23.97
C ILE A 216 -28.84 14.73 24.59
N LYS A 217 -28.71 13.47 24.11
CA LYS A 217 -29.50 12.36 24.70
C LYS A 217 -28.65 11.14 25.08
N ASP B 1 23.75 -9.03 -19.71
CA ASP B 1 22.99 -8.49 -18.60
C ASP B 1 23.41 -9.10 -17.26
N ILE B 2 23.00 -8.48 -16.16
CA ILE B 2 23.27 -8.99 -14.83
C ILE B 2 21.92 -9.23 -14.14
N VAL B 3 21.67 -10.49 -13.72
CA VAL B 3 20.44 -10.86 -13.02
C VAL B 3 20.74 -10.89 -11.52
N MET B 4 19.85 -10.25 -10.74
CA MET B 4 19.93 -10.18 -9.27
C MET B 4 18.92 -11.14 -8.71
N THR B 5 19.37 -12.12 -7.90
CA THR B 5 18.48 -13.14 -7.34
C THR B 5 18.43 -13.04 -5.84
N GLN B 6 17.22 -12.88 -5.32
CA GLN B 6 16.93 -12.84 -3.89
C GLN B 6 15.81 -13.79 -3.69
N SER B 7 15.85 -14.55 -2.61
CA SER B 7 14.69 -15.40 -2.28
C SER B 7 13.65 -14.49 -1.65
N ALA B 8 12.40 -14.57 -2.13
CA ALA B 8 11.32 -13.79 -1.53
C ALA B 8 11.05 -14.37 -0.12
N PHE B 9 11.43 -15.63 0.11
CA PHE B 9 11.21 -16.28 1.39
C PHE B 9 12.31 -15.97 2.44
N SER B 10 11.85 -15.74 3.66
CA SER B 10 12.64 -15.55 4.87
C SER B 10 11.70 -15.85 6.02
N ASN B 11 12.26 -16.32 7.12
CA ASN B 11 11.51 -16.61 8.34
C ASN B 11 11.25 -15.32 9.13
N PRO B 12 10.10 -15.21 9.86
CA PRO B 12 9.87 -13.99 10.68
C PRO B 12 10.96 -13.84 11.73
N VAL B 13 11.48 -12.63 11.89
CA VAL B 13 12.58 -12.32 12.81
C VAL B 13 12.04 -11.73 14.09
N THR B 14 12.48 -12.25 15.25
CA THR B 14 12.07 -11.71 16.55
C THR B 14 12.56 -10.29 16.68
N LEU B 15 11.68 -9.38 17.13
CA LEU B 15 11.99 -7.98 17.38
C LEU B 15 13.27 -7.87 18.22
N GLY B 16 14.18 -6.99 17.79
CA GLY B 16 15.44 -6.76 18.47
C GLY B 16 16.55 -7.79 18.28
N THR B 17 16.31 -8.82 17.45
CA THR B 17 17.33 -9.82 17.14
C THR B 17 17.93 -9.47 15.77
N SER B 18 19.01 -10.11 15.40
CA SER B 18 19.65 -9.82 14.12
C SER B 18 18.94 -10.51 12.94
N ALA B 19 19.12 -9.96 11.74
CA ALA B 19 18.54 -10.55 10.52
C ALA B 19 19.58 -10.45 9.41
N SER B 20 19.50 -11.39 8.47
CA SER B 20 20.37 -11.45 7.29
C SER B 20 19.48 -11.68 6.04
N ILE B 21 19.73 -10.94 4.96
CA ILE B 21 18.97 -11.08 3.71
C ILE B 21 19.96 -11.33 2.59
N SER B 22 19.82 -12.44 1.89
CA SER B 22 20.78 -12.83 0.85
C SER B 22 20.41 -12.29 -0.53
N CYS B 23 21.44 -12.11 -1.34
CA CYS B 23 21.35 -11.67 -2.71
C CYS B 23 22.50 -12.20 -3.52
N ARG B 24 22.23 -12.64 -4.72
CA ARG B 24 23.32 -13.06 -5.60
C ARG B 24 23.24 -12.40 -6.96
N SER B 25 24.40 -12.13 -7.55
CA SER B 25 24.44 -11.55 -8.89
C SER B 25 24.93 -12.58 -9.88
N SER B 26 24.40 -12.60 -11.11
CA SER B 26 24.79 -13.60 -12.15
C SER B 26 26.22 -13.35 -12.66
N LYS B 27 26.74 -12.11 -12.46
CA LYS B 27 28.13 -11.77 -12.82
C LYS B 27 28.65 -10.97 -11.65
N SER B 28 29.98 -10.87 -11.52
CA SER B 28 30.55 -10.08 -10.41
C SER B 28 30.10 -8.61 -10.48
N LEU B 29 29.87 -8.01 -9.33
CA LEU B 29 29.53 -6.58 -9.21
C LEU B 29 30.82 -5.78 -8.94
N LEU B 30 31.95 -6.46 -8.83
CA LEU B 30 33.25 -5.81 -8.61
C LEU B 30 33.79 -5.26 -9.92
N HIS B 31 34.19 -4.00 -9.89
CA HIS B 31 34.74 -3.30 -11.06
C HIS B 31 36.25 -3.25 -10.92
N ARG B 32 36.97 -3.02 -12.03
CA ARG B 32 38.43 -2.92 -12.03
C ARG B 32 38.95 -1.80 -11.09
N ASN B 33 38.14 -0.75 -10.82
CA ASN B 33 38.53 0.33 -9.90
C ASN B 33 38.46 -0.07 -8.40
N GLY B 34 38.05 -1.31 -8.09
CA GLY B 34 37.94 -1.84 -6.73
C GLY B 34 36.60 -1.59 -6.02
N ILE B 35 35.64 -0.94 -6.71
CA ILE B 35 34.31 -0.61 -6.18
C ILE B 35 33.33 -1.75 -6.52
N THR B 36 32.45 -2.10 -5.58
CA THR B 36 31.40 -3.11 -5.81
C THR B 36 30.10 -2.32 -6.01
N TYR B 37 29.49 -2.42 -7.19
CA TYR B 37 28.30 -1.62 -7.48
C TYR B 37 26.98 -2.32 -7.03
N LEU B 38 26.88 -2.54 -5.72
CA LEU B 38 25.74 -3.17 -5.08
C LEU B 38 24.93 -2.11 -4.33
N TYR B 39 23.62 -2.13 -4.50
CA TYR B 39 22.71 -1.19 -3.79
C TYR B 39 21.69 -1.99 -3.03
N TRP B 40 21.19 -1.41 -1.94
CA TRP B 40 20.09 -1.96 -1.16
C TRP B 40 19.02 -0.87 -0.99
N TYR B 41 17.75 -1.24 -1.15
CA TYR B 41 16.59 -0.34 -1.02
C TYR B 41 15.59 -1.01 -0.11
N LEU B 42 14.82 -0.19 0.60
CA LEU B 42 13.70 -0.65 1.40
C LEU B 42 12.46 0.01 0.81
N GLN B 43 11.41 -0.79 0.54
CA GLN B 43 10.15 -0.21 0.07
C GLN B 43 9.06 -0.53 1.06
N LYS B 44 8.42 0.52 1.55
CA LYS B 44 7.28 0.43 2.47
C LYS B 44 5.95 0.49 1.67
N PRO B 45 4.84 -0.13 2.14
CA PRO B 45 3.60 -0.13 1.35
C PRO B 45 3.14 1.26 0.89
N GLY B 46 2.75 1.35 -0.38
CA GLY B 46 2.29 2.60 -0.99
C GLY B 46 3.35 3.67 -1.20
N GLN B 47 4.63 3.38 -0.85
CA GLN B 47 5.71 4.35 -1.03
C GLN B 47 6.71 3.92 -2.10
N PRO B 48 7.48 4.87 -2.70
CA PRO B 48 8.57 4.43 -3.57
C PRO B 48 9.70 3.79 -2.74
N PRO B 49 10.58 3.01 -3.40
CA PRO B 49 11.74 2.44 -2.67
C PRO B 49 12.64 3.56 -2.16
N GLN B 50 13.26 3.34 -1.00
CA GLN B 50 14.18 4.28 -0.34
C GLN B 50 15.57 3.65 -0.34
N LEU B 51 16.57 4.42 -0.77
CA LEU B 51 17.95 3.92 -0.77
C LEU B 51 18.48 3.71 0.66
N LEU B 52 19.06 2.54 0.91
CA LEU B 52 19.68 2.24 2.20
C LEU B 52 21.18 2.35 2.10
N ILE B 53 21.73 1.60 1.14
CA ILE B 53 23.16 1.46 0.93
C ILE B 53 23.51 1.62 -0.53
N TYR B 54 24.62 2.33 -0.78
CA TYR B 54 25.14 2.48 -2.12
C TYR B 54 26.56 1.92 -2.21
N GLN B 55 26.87 1.27 -3.35
CA GLN B 55 28.18 0.66 -3.63
C GLN B 55 28.68 -0.21 -2.46
N MET B 56 27.77 -1.08 -1.96
CA MET B 56 27.93 -2.08 -0.91
C MET B 56 28.30 -1.61 0.50
N SER B 57 29.27 -0.69 0.64
N SER B 57 29.28 -0.69 0.63
CA SER B 57 29.82 -0.33 1.93
CA SER B 57 29.87 -0.29 1.90
C SER B 57 29.30 0.99 2.53
C SER B 57 29.45 1.08 2.43
N ASN B 58 28.52 1.76 1.76
CA ASN B 58 28.13 3.08 2.18
C ASN B 58 26.69 3.25 2.55
N LEU B 59 26.45 3.82 3.73
CA LEU B 59 25.09 4.17 4.16
C LEU B 59 24.62 5.43 3.48
N ALA B 60 23.37 5.43 3.03
CA ALA B 60 22.76 6.60 2.49
C ALA B 60 22.51 7.55 3.70
N SER B 61 22.51 8.86 3.47
CA SER B 61 22.37 9.88 4.51
C SER B 61 21.13 9.63 5.39
N GLY B 62 21.32 9.73 6.72
CA GLY B 62 20.24 9.53 7.67
C GLY B 62 19.82 8.08 7.94
N VAL B 63 20.36 7.11 7.17
CA VAL B 63 20.02 5.68 7.33
C VAL B 63 20.72 5.16 8.62
N PRO B 64 19.99 4.46 9.53
CA PRO B 64 20.65 3.95 10.77
C PRO B 64 21.83 3.07 10.47
N ASP B 65 22.87 3.10 11.35
CA ASP B 65 24.07 2.29 11.14
C ASP B 65 23.84 0.78 11.40
N ARG B 66 22.57 0.39 11.70
CA ARG B 66 22.19 -1.02 11.91
C ARG B 66 22.19 -1.84 10.57
N PHE B 67 22.39 -1.18 9.42
CA PHE B 67 22.39 -1.87 8.11
C PHE B 67 23.79 -1.90 7.55
N THR B 68 24.30 -3.08 7.22
CA THR B 68 25.63 -3.21 6.61
C THR B 68 25.51 -4.31 5.54
N SER B 69 26.45 -4.33 4.61
CA SER B 69 26.44 -5.34 3.55
C SER B 69 27.88 -5.69 3.21
N SER B 70 28.09 -6.95 2.82
CA SER B 70 29.42 -7.44 2.42
C SER B 70 29.16 -8.70 1.56
N GLY B 71 30.21 -9.19 0.90
CA GLY B 71 30.09 -10.39 0.09
C GLY B 71 31.32 -10.71 -0.71
N SER B 72 31.18 -11.73 -1.57
CA SER B 72 32.23 -12.33 -2.41
C SER B 72 32.49 -11.68 -3.78
N GLY B 73 31.58 -10.79 -4.23
CA GLY B 73 31.57 -10.25 -5.58
C GLY B 73 30.35 -10.75 -6.33
N THR B 74 29.88 -11.96 -6.02
CA THR B 74 28.66 -12.55 -6.62
C THR B 74 27.62 -12.97 -5.57
N ASP B 75 28.01 -13.14 -4.28
CA ASP B 75 27.01 -13.54 -3.26
C ASP B 75 27.13 -12.55 -2.14
N PHE B 76 26.02 -11.94 -1.75
CA PHE B 76 26.09 -10.89 -0.72
C PHE B 76 25.02 -11.09 0.34
N THR B 77 25.14 -10.35 1.44
CA THR B 77 24.06 -10.32 2.44
C THR B 77 23.90 -8.89 2.91
N LEU B 78 22.66 -8.54 3.25
CA LEU B 78 22.37 -7.31 3.95
C LEU B 78 22.16 -7.80 5.39
N LYS B 79 22.90 -7.22 6.32
CA LYS B 79 22.77 -7.56 7.73
C LYS B 79 22.10 -6.43 8.47
N ILE B 80 21.13 -6.79 9.32
CA ILE B 80 20.41 -5.85 10.20
C ILE B 80 20.87 -6.25 11.59
N SER B 81 21.69 -5.42 12.27
CA SER B 81 22.31 -5.78 13.58
C SER B 81 21.20 -6.11 14.58
N ARG B 82 20.15 -5.30 14.61
CA ARG B 82 18.98 -5.53 15.46
C ARG B 82 17.75 -4.99 14.73
N VAL B 83 16.75 -5.84 14.57
CA VAL B 83 15.55 -5.47 13.82
C VAL B 83 14.62 -4.63 14.69
N GLU B 84 14.18 -3.49 14.17
CA GLU B 84 13.24 -2.62 14.86
C GLU B 84 11.94 -2.62 14.10
N ALA B 85 10.85 -2.28 14.79
CA ALA B 85 9.50 -2.26 14.21
C ALA B 85 9.40 -1.53 12.86
N GLU B 86 10.08 -0.40 12.75
CA GLU B 86 10.06 0.45 11.54
C GLU B 86 10.74 -0.16 10.32
N ASP B 87 11.49 -1.25 10.51
CA ASP B 87 12.24 -1.95 9.44
C ASP B 87 11.37 -2.79 8.51
N VAL B 88 10.12 -3.07 8.89
CA VAL B 88 9.24 -3.90 8.05
C VAL B 88 9.03 -3.31 6.66
N GLY B 89 8.98 -4.19 5.69
CA GLY B 89 8.79 -3.81 4.29
C GLY B 89 9.57 -4.76 3.41
N VAL B 90 9.71 -4.40 2.14
CA VAL B 90 10.39 -5.25 1.16
C VAL B 90 11.78 -4.70 0.87
N TYR B 91 12.83 -5.53 1.10
CA TYR B 91 14.22 -5.15 0.83
C TYR B 91 14.62 -5.65 -0.53
N TYR B 92 15.21 -4.76 -1.35
CA TYR B 92 15.69 -5.13 -2.68
C TYR B 92 17.18 -4.92 -2.77
N CYS B 93 17.87 -5.86 -3.43
CA CYS B 93 19.25 -5.60 -3.80
C CYS B 93 19.16 -5.12 -5.27
N ALA B 94 20.16 -4.39 -5.72
CA ALA B 94 20.21 -3.89 -7.08
C ALA B 94 21.66 -3.67 -7.47
N GLN B 95 21.89 -3.60 -8.75
CA GLN B 95 23.23 -3.30 -9.26
C GLN B 95 23.16 -2.26 -10.37
N ASN B 96 24.24 -1.46 -10.52
CA ASN B 96 24.31 -0.50 -11.64
C ASN B 96 25.59 -0.66 -12.49
N LEU B 97 26.27 -1.80 -12.35
CA LEU B 97 27.46 -2.10 -13.15
C LEU B 97 27.12 -2.23 -14.64
N GLU B 98 26.04 -2.97 -14.97
CA GLU B 98 25.52 -3.18 -16.32
C GLU B 98 24.06 -2.72 -16.30
N LEU B 99 23.80 -1.48 -16.75
CA LEU B 99 22.47 -0.82 -16.73
C LEU B 99 21.98 -0.78 -15.25
N TRP B 100 20.75 -1.19 -14.98
CA TRP B 100 20.18 -1.23 -13.62
C TRP B 100 19.30 -2.41 -13.55
N THR B 101 19.55 -3.30 -12.59
CA THR B 101 18.63 -4.41 -12.39
C THR B 101 18.42 -4.57 -10.91
N PHE B 102 17.27 -5.16 -10.53
CA PHE B 102 16.89 -5.35 -9.14
C PHE B 102 16.58 -6.83 -8.91
N GLY B 103 16.74 -7.26 -7.67
CA GLY B 103 16.34 -8.58 -7.20
C GLY B 103 14.82 -8.55 -7.04
N GLY B 104 14.22 -9.72 -6.78
CA GLY B 104 12.76 -9.81 -6.66
C GLY B 104 12.24 -9.30 -5.33
N GLY B 105 13.14 -8.96 -4.41
CA GLY B 105 12.77 -8.43 -3.10
C GLY B 105 12.56 -9.52 -2.05
N THR B 106 12.76 -9.15 -0.77
CA THR B 106 12.56 -10.04 0.38
C THR B 106 11.80 -9.24 1.42
N LYS B 107 10.60 -9.70 1.79
CA LYS B 107 9.83 -9.00 2.80
C LYS B 107 10.27 -9.39 4.19
N LEU B 108 10.61 -8.39 5.01
CA LEU B 108 11.00 -8.61 6.40
C LEU B 108 9.71 -8.64 7.26
N GLU B 109 9.52 -9.70 8.05
CA GLU B 109 8.38 -9.85 8.94
C GLU B 109 8.89 -9.99 10.35
N ILE B 110 8.23 -9.34 11.30
CA ILE B 110 8.70 -9.36 12.68
C ILE B 110 7.85 -10.27 13.54
N LYS B 111 8.51 -11.04 14.42
CA LYS B 111 7.82 -11.85 15.40
C LYS B 111 7.85 -11.05 16.72
N ARG B 112 6.69 -10.87 17.32
CA ARG B 112 6.52 -10.13 18.58
C ARG B 112 5.66 -10.96 19.51
N ALA B 113 5.37 -10.44 20.71
CA ALA B 113 4.55 -11.14 21.70
C ALA B 113 3.14 -11.28 21.16
N ASP B 114 2.48 -12.41 21.45
CA ASP B 114 1.09 -12.65 21.02
C ASP B 114 0.19 -11.56 21.56
N ALA B 115 -0.78 -11.11 20.73
CA ALA B 115 -1.72 -10.07 21.13
C ALA B 115 -3.11 -10.39 20.62
N ALA B 116 -4.12 -10.30 21.52
CA ALA B 116 -5.51 -10.55 21.15
C ALA B 116 -6.03 -9.34 20.33
N PRO B 117 -6.93 -9.55 19.34
CA PRO B 117 -7.47 -8.40 18.59
C PRO B 117 -8.43 -7.52 19.40
N THR B 118 -8.47 -6.21 19.12
CA THR B 118 -9.45 -5.30 19.72
C THR B 118 -10.55 -5.26 18.65
N VAL B 119 -11.76 -5.70 19.03
CA VAL B 119 -12.85 -5.86 18.08
C VAL B 119 -13.91 -4.77 18.23
N SER B 120 -14.28 -4.14 17.09
CA SER B 120 -15.27 -3.07 17.01
C SER B 120 -16.27 -3.36 15.87
N ILE B 121 -17.58 -3.25 16.16
CA ILE B 121 -18.67 -3.49 15.19
C ILE B 121 -19.32 -2.18 14.78
N PHE B 122 -19.63 -2.05 13.50
CA PHE B 122 -20.23 -0.85 12.93
C PHE B 122 -21.46 -1.12 12.07
N PRO B 123 -22.63 -0.64 12.51
CA PRO B 123 -23.83 -0.78 11.69
C PRO B 123 -23.72 0.09 10.42
N PRO B 124 -24.57 -0.11 9.39
CA PRO B 124 -24.49 0.76 8.19
C PRO B 124 -24.71 2.23 8.53
N SER B 125 -24.15 3.10 7.69
CA SER B 125 -24.32 4.54 7.82
C SER B 125 -25.68 4.91 7.29
N SER B 126 -26.20 6.09 7.71
CA SER B 126 -27.49 6.62 7.23
C SER B 126 -27.39 6.89 5.73
N GLU B 127 -26.22 7.39 5.27
CA GLU B 127 -25.97 7.67 3.86
C GLU B 127 -26.06 6.41 2.98
N GLN B 128 -25.49 5.27 3.44
CA GLN B 128 -25.56 4.05 2.64
C GLN B 128 -26.97 3.49 2.57
N LEU B 129 -27.68 3.51 3.71
CA LEU B 129 -29.05 3.07 3.78
C LEU B 129 -29.95 3.89 2.88
N THR B 130 -29.73 5.22 2.80
CA THR B 130 -30.51 6.14 1.93
C THR B 130 -30.35 5.77 0.42
N SER B 131 -29.20 5.16 0.07
CA SER B 131 -28.88 4.70 -1.29
C SER B 131 -29.40 3.27 -1.57
N GLY B 132 -29.88 2.58 -0.52
CA GLY B 132 -30.39 1.22 -0.61
C GLY B 132 -29.45 0.09 -0.27
N GLY B 133 -28.25 0.43 0.22
CA GLY B 133 -27.23 -0.54 0.64
C GLY B 133 -27.08 -0.63 2.14
N ALA B 134 -26.44 -1.71 2.61
CA ALA B 134 -26.22 -1.94 4.04
C ALA B 134 -24.99 -2.81 4.32
N SER B 135 -23.82 -2.15 4.54
CA SER B 135 -22.58 -2.85 4.86
C SER B 135 -22.37 -2.79 6.37
N VAL B 136 -22.11 -3.94 6.97
CA VAL B 136 -21.86 -4.07 8.40
C VAL B 136 -20.39 -4.37 8.46
N VAL B 137 -19.65 -3.56 9.22
CA VAL B 137 -18.19 -3.67 9.30
C VAL B 137 -17.71 -4.06 10.69
N CYS B 138 -16.70 -4.93 10.72
N CYS B 138 -16.70 -4.94 10.73
CA CYS B 138 -16.00 -5.32 11.93
CA CYS B 138 -16.07 -5.43 11.95
C CYS B 138 -14.51 -5.19 11.74
C CYS B 138 -14.53 -5.28 11.79
N PHE B 139 -13.87 -4.46 12.65
CA PHE B 139 -12.39 -4.27 12.67
C PHE B 139 -11.83 -5.14 13.78
N LEU B 140 -10.83 -5.98 13.44
CA LEU B 140 -10.15 -6.91 14.35
C LEU B 140 -8.76 -6.28 14.36
N ASN B 141 -8.49 -5.40 15.32
CA ASN B 141 -7.29 -4.58 15.30
C ASN B 141 -6.17 -4.93 16.28
N ASN B 142 -4.93 -4.70 15.82
CA ASN B 142 -3.66 -4.87 16.57
C ASN B 142 -3.53 -6.23 17.22
N PHE B 143 -3.56 -7.29 16.41
CA PHE B 143 -3.35 -8.64 16.90
C PHE B 143 -2.03 -9.25 16.40
N TYR B 144 -1.58 -10.33 17.05
CA TYR B 144 -0.40 -11.11 16.65
C TYR B 144 -0.53 -12.56 17.15
N PRO B 145 -0.29 -13.61 16.31
CA PRO B 145 0.17 -13.57 14.91
C PRO B 145 -0.93 -13.24 13.89
N LYS B 146 -0.55 -13.13 12.59
CA LYS B 146 -1.43 -12.76 11.46
C LYS B 146 -2.70 -13.63 11.30
N ASP B 147 -2.61 -14.95 11.51
CA ASP B 147 -3.77 -15.84 11.32
C ASP B 147 -4.90 -15.53 12.27
N ILE B 148 -6.09 -15.35 11.69
CA ILE B 148 -7.30 -15.02 12.41
C ILE B 148 -8.52 -15.49 11.60
N ASN B 149 -9.60 -15.81 12.29
CA ASN B 149 -10.84 -16.26 11.66
C ASN B 149 -11.97 -15.36 12.11
N VAL B 150 -12.82 -14.96 11.17
CA VAL B 150 -14.02 -14.14 11.45
C VAL B 150 -15.26 -14.96 11.10
N LYS B 151 -16.31 -14.88 11.95
CA LYS B 151 -17.57 -15.56 11.75
C LYS B 151 -18.69 -14.54 11.94
N TRP B 152 -19.56 -14.42 10.94
CA TRP B 152 -20.70 -13.53 11.01
C TRP B 152 -21.94 -14.30 11.37
N LYS B 153 -22.80 -13.71 12.21
CA LYS B 153 -24.07 -14.32 12.59
C LYS B 153 -25.17 -13.30 12.44
N ILE B 154 -26.25 -13.70 11.75
CA ILE B 154 -27.46 -12.92 11.50
C ILE B 154 -28.57 -13.70 12.21
N ASP B 155 -29.14 -13.11 13.29
CA ASP B 155 -30.17 -13.70 14.15
C ASP B 155 -29.75 -15.07 14.72
N GLY B 156 -28.45 -15.20 15.03
CA GLY B 156 -27.85 -16.40 15.57
C GLY B 156 -27.39 -17.42 14.52
N SER B 157 -27.73 -17.18 13.25
CA SER B 157 -27.37 -18.06 12.14
C SER B 157 -26.15 -17.56 11.38
N GLU B 158 -25.18 -18.47 11.16
CA GLU B 158 -23.93 -18.20 10.45
C GLU B 158 -24.21 -17.74 9.01
N ARG B 159 -23.43 -16.74 8.54
CA ARG B 159 -23.55 -16.18 7.20
C ARG B 159 -22.17 -16.09 6.56
N GLN B 160 -22.01 -16.75 5.40
CA GLN B 160 -20.73 -16.78 4.68
C GLN B 160 -20.70 -15.89 3.43
N ASN B 161 -21.85 -15.77 2.76
CA ASN B 161 -21.99 -14.97 1.53
C ASN B 161 -22.01 -13.47 1.81
N GLY B 162 -21.36 -12.72 0.92
CA GLY B 162 -21.28 -11.26 1.01
C GLY B 162 -20.28 -10.74 2.02
N VAL B 163 -19.34 -11.60 2.47
CA VAL B 163 -18.29 -11.26 3.44
C VAL B 163 -16.97 -11.03 2.72
N LEU B 164 -16.34 -9.88 2.97
CA LEU B 164 -15.06 -9.54 2.40
C LEU B 164 -14.09 -9.16 3.51
N ASN B 165 -12.92 -9.81 3.52
CA ASN B 165 -11.87 -9.67 4.52
C ASN B 165 -10.60 -9.10 3.97
N SER B 166 -10.10 -8.04 4.63
CA SER B 166 -8.86 -7.41 4.20
C SER B 166 -7.87 -7.25 5.36
N TRP B 167 -6.64 -7.75 5.18
CA TRP B 167 -5.56 -7.66 6.16
C TRP B 167 -4.64 -6.49 5.88
N THR B 168 -4.26 -5.75 6.91
CA THR B 168 -3.27 -4.68 6.73
C THR B 168 -1.87 -5.31 6.65
N ASP B 169 -0.88 -4.54 6.15
CA ASP B 169 0.53 -4.97 6.20
C ASP B 169 0.95 -4.80 7.67
N GLN B 170 2.03 -5.47 8.10
CA GLN B 170 2.48 -5.39 9.50
C GLN B 170 2.71 -3.96 9.93
N ASP B 171 2.15 -3.58 11.07
CA ASP B 171 2.28 -2.23 11.62
C ASP B 171 3.73 -1.81 11.89
N SER B 172 4.14 -0.64 11.40
CA SER B 172 5.50 -0.13 11.52
C SER B 172 5.88 0.34 12.94
N LYS B 173 4.89 0.42 13.86
CA LYS B 173 5.12 0.86 15.25
C LYS B 173 5.02 -0.25 16.28
N ASP B 174 3.98 -1.11 16.21
CA ASP B 174 3.83 -2.18 17.22
C ASP B 174 3.96 -3.60 16.63
N SER B 175 4.28 -3.74 15.32
CA SER B 175 4.49 -5.03 14.65
C SER B 175 3.23 -5.95 14.68
N THR B 176 2.05 -5.38 14.84
CA THR B 176 0.84 -6.19 14.85
C THR B 176 0.22 -6.19 13.44
N TYR B 177 -0.88 -6.93 13.29
CA TYR B 177 -1.71 -7.01 12.09
C TYR B 177 -3.11 -6.64 12.51
N SER B 178 -3.87 -6.18 11.54
CA SER B 178 -5.27 -5.82 11.72
C SER B 178 -6.01 -6.37 10.52
N MET B 179 -7.31 -6.61 10.69
CA MET B 179 -8.15 -7.14 9.63
C MET B 179 -9.51 -6.45 9.68
N SER B 180 -10.07 -6.19 8.49
CA SER B 180 -11.38 -5.57 8.32
C SER B 180 -12.28 -6.62 7.67
N SER B 181 -13.46 -6.85 8.27
CA SER B 181 -14.45 -7.79 7.75
C SER B 181 -15.74 -7.02 7.45
N THR B 182 -16.19 -7.07 6.20
CA THR B 182 -17.37 -6.33 5.73
C THR B 182 -18.39 -7.31 5.20
N LEU B 183 -19.61 -7.27 5.78
CA LEU B 183 -20.75 -8.07 5.35
C LEU B 183 -21.68 -7.10 4.62
N THR B 184 -21.83 -7.28 3.30
CA THR B 184 -22.66 -6.36 2.50
C THR B 184 -24.00 -7.00 2.16
N LEU B 185 -25.08 -6.28 2.51
CA LEU B 185 -26.46 -6.69 2.28
C LEU B 185 -27.21 -5.54 1.60
N THR B 186 -28.47 -5.77 1.17
CA THR B 186 -29.30 -4.71 0.63
C THR B 186 -29.99 -4.06 1.85
N LYS B 187 -30.51 -2.82 1.73
CA LYS B 187 -31.22 -2.15 2.84
C LYS B 187 -32.42 -3.04 3.30
N ASP B 188 -33.19 -3.58 2.33
CA ASP B 188 -34.34 -4.47 2.56
C ASP B 188 -33.94 -5.71 3.34
N GLU B 189 -32.87 -6.43 2.88
CA GLU B 189 -32.34 -7.65 3.51
C GLU B 189 -31.90 -7.37 4.95
N TYR B 190 -31.20 -6.23 5.16
CA TYR B 190 -30.71 -5.77 6.46
C TYR B 190 -31.87 -5.52 7.43
N GLU B 191 -32.96 -4.93 6.93
CA GLU B 191 -34.14 -4.60 7.72
C GLU B 191 -35.02 -5.82 8.04
N ARG B 192 -34.73 -6.99 7.44
CA ARG B 192 -35.45 -8.26 7.67
C ARG B 192 -34.93 -9.00 8.91
N HIS B 193 -33.75 -8.59 9.40
CA HIS B 193 -33.12 -9.21 10.56
C HIS B 193 -32.75 -8.21 11.64
N ASN B 194 -32.59 -8.67 12.89
CA ASN B 194 -32.30 -7.81 14.02
C ASN B 194 -30.86 -7.85 14.51
N SER B 195 -30.39 -9.04 14.95
CA SER B 195 -29.06 -9.21 15.54
C SER B 195 -27.94 -9.46 14.53
N TYR B 196 -26.89 -8.63 14.61
CA TYR B 196 -25.70 -8.74 13.77
C TYR B 196 -24.52 -8.95 14.67
N THR B 197 -23.78 -10.05 14.45
CA THR B 197 -22.66 -10.42 15.28
C THR B 197 -21.45 -10.82 14.48
N CYS B 198 -20.27 -10.40 14.93
CA CYS B 198 -19.01 -10.78 14.35
C CYS B 198 -18.18 -11.40 15.47
N GLU B 199 -17.65 -12.61 15.23
CA GLU B 199 -16.87 -13.37 16.22
C GLU B 199 -15.48 -13.58 15.69
N ALA B 200 -14.49 -13.21 16.50
CA ALA B 200 -13.09 -13.32 16.12
C ALA B 200 -12.41 -14.50 16.83
N THR B 201 -11.91 -15.48 16.07
CA THR B 201 -11.18 -16.62 16.65
C THR B 201 -9.70 -16.43 16.37
N HIS B 202 -8.90 -16.31 17.44
CA HIS B 202 -7.46 -16.08 17.37
C HIS B 202 -6.76 -17.06 18.34
N LYS B 203 -5.47 -17.35 18.13
CA LYS B 203 -4.78 -18.33 18.98
C LYS B 203 -4.62 -17.88 20.45
N THR B 204 -4.85 -16.57 20.75
CA THR B 204 -4.70 -16.02 22.10
C THR B 204 -5.78 -16.52 23.07
N SER B 205 -6.87 -17.12 22.55
CA SER B 205 -7.95 -17.69 23.37
C SER B 205 -8.75 -18.75 22.61
N THR B 206 -9.26 -19.75 23.35
CA THR B 206 -10.11 -20.81 22.77
C THR B 206 -11.52 -20.26 22.57
N SER B 207 -11.88 -19.22 23.36
CA SER B 207 -13.18 -18.54 23.27
C SER B 207 -13.08 -17.38 22.26
N PRO B 208 -14.04 -17.24 21.33
CA PRO B 208 -13.95 -16.10 20.41
C PRO B 208 -14.31 -14.77 21.06
N ILE B 209 -13.85 -13.66 20.47
CA ILE B 209 -14.19 -12.31 20.92
C ILE B 209 -15.46 -11.98 20.11
N VAL B 210 -16.52 -11.69 20.83
CA VAL B 210 -17.86 -11.49 20.27
C VAL B 210 -18.29 -10.03 20.37
N LYS B 211 -18.60 -9.42 19.23
CA LYS B 211 -19.14 -8.06 19.17
C LYS B 211 -20.44 -8.11 18.40
N SER B 212 -21.49 -7.52 18.99
CA SER B 212 -22.83 -7.60 18.45
C SER B 212 -23.64 -6.31 18.64
N PHE B 213 -24.66 -6.11 17.80
CA PHE B 213 -25.63 -5.01 17.93
C PHE B 213 -27.01 -5.50 17.44
N ASN B 214 -28.09 -4.86 17.93
CA ASN B 214 -29.46 -5.13 17.50
C ASN B 214 -29.93 -3.94 16.69
N ARG B 215 -30.27 -4.18 15.41
CA ARG B 215 -30.71 -3.16 14.47
C ARG B 215 -31.81 -2.24 15.05
N ASN B 216 -32.77 -2.85 15.80
CA ASN B 216 -33.87 -2.18 16.50
C ASN B 216 -33.38 -1.20 17.57
N GLU B 217 -32.24 -1.52 18.21
CA GLU B 217 -31.64 -0.68 19.25
C GLU B 217 -30.71 0.33 18.60
#